data_9FFC
#
_entry.id   9FFC
#
_cell.length_a   48.860
_cell.length_b   48.860
_cell.length_c   342.156
_cell.angle_alpha   90.000
_cell.angle_beta   90.000
_cell.angle_gamma   120.000
#
_symmetry.space_group_name_H-M   'P 61 2 2'
#
loop_
_entity.id
_entity.type
_entity.pdbx_description
1 polymer 'Triosephosphate isomerase'
2 non-polymer SN-GLYCEROL-3-PHOSPHATE
3 non-polymer 'BROMIDE ION'
4 water water
#
_entity_poly.entity_id   1
_entity_poly.type   'polypeptide(L)'
_entity_poly.pdbx_seq_one_letter_code
;MAPSRKFFVGGNWKMNGRKQSLGELIGTLNAAKVPADTEVVCAPPTAYIDFARQKLDPKIAVAAQNCYKVTNGAFTGEIS
PGMIKDCGATWVVLGHSERRHVFGESDELIGQKVAHALAEGLGVIACIGEKLDEREAGITEKVVFEQTKVIADNVKDWSK
VVLAYEPVWAIGTGKTATPQQAQEVHEKLRGWLKSNVSDAVAQSTRIIYGGSVTGATCKELASQPDVDGFLVGGASLKPE
FVDIINAKQ
;
_entity_poly.pdbx_strand_id   A
#
loop_
_chem_comp.id
_chem_comp.type
_chem_comp.name
_chem_comp.formula
BR non-polymer 'BROMIDE ION' 'Br -1'
G3P non-polymer SN-GLYCEROL-3-PHOSPHATE 'C3 H9 O6 P'
#
# COMPACT_ATOMS: atom_id res chain seq x y z
N SER A 4 -7.75 15.69 10.84
CA SER A 4 -8.21 14.42 10.26
C SER A 4 -7.12 13.76 9.40
N ARG A 5 -7.27 12.46 9.16
CA ARG A 5 -6.27 11.72 8.40
C ARG A 5 -6.43 12.07 6.93
N LYS A 6 -5.32 12.44 6.29
CA LYS A 6 -5.33 12.75 4.87
C LYS A 6 -5.62 11.49 4.06
N PHE A 7 -6.65 11.58 3.20
CA PHE A 7 -7.03 10.48 2.32
C PHE A 7 -5.86 10.10 1.42
N PHE A 8 -5.60 8.80 1.32
CA PHE A 8 -4.39 8.28 0.68
C PHE A 8 -4.77 7.29 -0.42
N VAL A 9 -4.36 7.56 -1.65
CA VAL A 9 -4.67 6.68 -2.77
C VAL A 9 -3.37 6.27 -3.47
N GLY A 10 -3.04 4.98 -3.35
CA GLY A 10 -1.90 4.42 -4.04
C GLY A 10 -2.34 3.62 -5.25
N GLY A 11 -1.60 3.75 -6.34
CA GLY A 11 -1.85 2.98 -7.55
C GLY A 11 -0.69 2.02 -7.76
N ASN A 12 -0.92 0.73 -7.54
CA ASN A 12 0.10 -0.30 -7.71
C ASN A 12 -0.03 -0.84 -9.12
N TRP A 13 0.88 -0.44 -10.01
CA TRP A 13 0.81 -0.87 -11.41
C TRP A 13 1.19 -2.33 -11.57
N LYS A 14 1.74 -2.95 -10.53
CA LYS A 14 2.18 -4.35 -10.55
C LYS A 14 3.10 -4.56 -11.76
N MET A 15 3.07 -5.75 -12.37
CA MET A 15 3.95 -6.05 -13.49
C MET A 15 3.20 -5.75 -14.78
N ASN A 16 3.03 -4.47 -15.04
CA ASN A 16 2.29 -4.00 -16.19
C ASN A 16 2.94 -2.72 -16.69
N GLY A 17 2.92 -2.54 -18.00
CA GLY A 17 3.31 -1.30 -18.62
C GLY A 17 4.59 -1.42 -19.44
N ARG A 18 4.70 -0.56 -20.44
CA ARG A 18 5.94 -0.28 -21.15
C ARG A 18 6.04 1.24 -21.25
N LYS A 19 7.19 1.76 -21.70
CA LYS A 19 7.34 3.22 -21.70
C LYS A 19 6.21 3.94 -22.41
N GLN A 20 5.76 3.45 -23.56
CA GLN A 20 4.74 4.22 -24.29
C GLN A 20 3.44 4.29 -23.51
N SER A 21 2.97 3.16 -23.02
CA SER A 21 1.68 3.15 -22.33
C SER A 21 1.78 3.74 -20.94
N LEU A 22 2.93 3.62 -20.28
CA LEU A 22 3.09 4.26 -18.98
C LEU A 22 3.20 5.77 -19.15
N GLY A 23 3.84 6.23 -20.23
CA GLY A 23 3.87 7.67 -20.46
C GLY A 23 2.47 8.22 -20.68
N GLU A 24 1.62 7.45 -21.38
CA GLU A 24 0.24 7.86 -21.60
C GLU A 24 -0.53 7.92 -20.28
N LEU A 25 -0.38 6.89 -19.45
CA LEU A 25 -1.04 6.85 -18.16
C LEU A 25 -0.59 8.03 -17.32
N ILE A 26 0.71 8.34 -17.36
CA ILE A 26 1.25 9.44 -16.57
C ILE A 26 0.69 10.77 -17.06
N GLY A 27 0.51 10.94 -18.38
CA GLY A 27 -0.14 12.14 -18.88
C GLY A 27 -1.53 12.32 -18.32
N THR A 28 -2.30 11.23 -18.26
CA THR A 28 -3.64 11.30 -17.69
C THR A 28 -3.60 11.68 -16.20
N LEU A 29 -2.67 11.09 -15.45
CA LEU A 29 -2.59 11.39 -14.03
C LEU A 29 -2.09 12.80 -13.79
N ASN A 30 -1.11 13.25 -14.57
CA ASN A 30 -0.62 14.62 -14.40
C ASN A 30 -1.74 15.64 -14.60
N ALA A 31 -2.65 15.34 -15.52
CA ALA A 31 -3.73 16.26 -15.86
C ALA A 31 -4.87 16.21 -14.86
N ALA A 32 -4.93 15.20 -13.99
CA ALA A 32 -5.98 15.16 -12.99
C ALA A 32 -5.78 16.26 -11.95
N LYS A 33 -6.87 16.78 -11.44
CA LYS A 33 -6.84 17.76 -10.35
C LYS A 33 -6.95 16.99 -9.05
N VAL A 34 -5.86 16.95 -8.28
CA VAL A 34 -5.85 16.21 -7.02
C VAL A 34 -6.63 17.06 -6.01
N PRO A 35 -7.69 16.54 -5.42
CA PRO A 35 -8.43 17.34 -4.44
C PRO A 35 -7.59 17.63 -3.22
N ALA A 36 -8.08 18.58 -2.42
CA ALA A 36 -7.40 18.99 -1.20
C ALA A 36 -7.33 17.81 -0.22
N ASP A 37 -6.30 17.85 0.63
CA ASP A 37 -6.05 16.81 1.63
C ASP A 37 -6.18 15.40 1.05
N THR A 38 -5.58 15.21 -0.11
CA THR A 38 -5.50 13.89 -0.73
C THR A 38 -4.08 13.65 -1.19
N GLU A 39 -3.53 12.49 -0.80
CA GLU A 39 -2.15 12.12 -1.10
C GLU A 39 -2.14 10.96 -2.09
N VAL A 40 -1.47 11.15 -3.23
CA VAL A 40 -1.48 10.17 -4.32
C VAL A 40 -0.06 9.66 -4.54
N VAL A 41 0.07 8.33 -4.66
CA VAL A 41 1.36 7.65 -4.82
C VAL A 41 1.17 6.60 -5.90
N CYS A 42 2.15 6.46 -6.80
CA CYS A 42 2.07 5.46 -7.86
C CYS A 42 3.30 4.57 -7.73
N ALA A 43 3.11 3.26 -7.91
CA ALA A 43 4.20 2.27 -7.80
C ALA A 43 4.44 1.59 -9.15
N PRO A 44 5.42 2.03 -9.91
CA PRO A 44 5.70 1.42 -11.24
C PRO A 44 6.48 0.13 -11.09
N PRO A 45 6.54 -0.68 -12.15
CA PRO A 45 7.51 -1.78 -12.15
C PRO A 45 8.92 -1.27 -11.91
N THR A 46 9.77 -2.13 -11.33
CA THR A 46 11.08 -1.70 -10.87
C THR A 46 11.93 -1.14 -12.00
N ALA A 47 11.80 -1.70 -13.20
CA ALA A 47 12.60 -1.22 -14.31
C ALA A 47 12.24 0.20 -14.75
N TYR A 48 11.13 0.75 -14.24
CA TYR A 48 10.60 2.03 -14.66
C TYR A 48 10.49 3.05 -13.52
N ILE A 49 11.07 2.79 -12.36
CA ILE A 49 10.95 3.75 -11.27
C ILE A 49 11.47 5.11 -11.69
N ASP A 50 12.70 5.14 -12.22
CA ASP A 50 13.34 6.39 -12.62
C ASP A 50 12.57 7.07 -13.75
N PHE A 51 12.24 6.30 -14.79
CA PHE A 51 11.41 6.80 -15.88
C PHE A 51 10.13 7.46 -15.36
N ALA A 52 9.40 6.75 -14.50
CA ALA A 52 8.12 7.30 -14.03
C ALA A 52 8.30 8.56 -13.22
N ARG A 53 9.33 8.60 -12.36
CA ARG A 53 9.56 9.79 -11.53
C ARG A 53 9.91 10.99 -12.40
N GLN A 54 10.65 10.77 -13.49
CA GLN A 54 10.96 11.87 -14.38
C GLN A 54 9.71 12.43 -15.05
N LYS A 55 8.73 11.56 -15.39
CA LYS A 55 7.57 12.02 -16.14
C LYS A 55 6.41 12.48 -15.26
N LEU A 56 6.28 11.93 -14.05
CA LEU A 56 5.20 12.35 -13.17
C LEU A 56 5.51 13.70 -12.55
N ASP A 57 4.49 14.54 -12.49
CA ASP A 57 4.61 15.78 -11.76
C ASP A 57 4.87 15.48 -10.29
N PRO A 58 5.63 16.35 -9.61
CA PRO A 58 5.92 16.12 -8.19
C PRO A 58 4.70 16.07 -7.29
N LYS A 59 3.56 16.56 -7.71
CA LYS A 59 2.35 16.41 -6.89
C LYS A 59 2.03 14.95 -6.61
N ILE A 60 2.51 14.01 -7.43
CA ILE A 60 2.32 12.58 -7.22
C ILE A 60 3.67 11.98 -6.84
N ALA A 61 3.69 11.21 -5.75
CA ALA A 61 4.90 10.55 -5.32
C ALA A 61 5.05 9.20 -6.00
N VAL A 62 6.28 8.71 -6.04
CA VAL A 62 6.61 7.41 -6.62
C VAL A 62 7.06 6.44 -5.53
N ALA A 63 6.55 5.22 -5.62
CA ALA A 63 6.92 4.13 -4.74
C ALA A 63 7.56 3.01 -5.55
N ALA A 64 8.58 2.37 -4.99
CA ALA A 64 8.98 1.03 -5.46
C ALA A 64 7.98 -0.01 -4.98
N GLN A 65 7.87 -1.12 -5.73
CA GLN A 65 6.95 -2.18 -5.40
C GLN A 65 7.51 -3.16 -4.38
N ASN A 66 8.80 -3.07 -4.08
CA ASN A 66 9.48 -3.97 -3.14
C ASN A 66 10.92 -3.47 -3.01
N CYS A 67 11.61 -3.96 -1.98
CA CYS A 67 13.05 -3.73 -1.81
C CYS A 67 13.60 -4.82 -0.91
N TYR A 68 14.92 -4.84 -0.76
CA TYR A 68 15.57 -5.75 0.17
C TYR A 68 15.99 -5.00 1.46
N LYS A 69 16.64 -5.75 2.36
CA LYS A 69 16.78 -5.35 3.76
C LYS A 69 18.16 -4.86 4.13
N VAL A 70 19.10 -4.75 3.20
CA VAL A 70 20.41 -4.15 3.40
C VAL A 70 20.69 -3.24 2.20
N THR A 71 21.72 -2.39 2.35
CA THR A 71 21.90 -1.31 1.39
C THR A 71 22.61 -1.76 0.11
N ASN A 72 23.43 -2.81 0.18
CA ASN A 72 24.13 -3.40 -0.95
C ASN A 72 24.44 -4.83 -0.57
N GLY A 73 24.60 -5.70 -1.57
CA GLY A 73 25.13 -7.02 -1.29
C GLY A 73 24.83 -8.01 -2.40
N ALA A 74 25.10 -9.27 -2.05
CA ALA A 74 25.09 -10.36 -3.03
C ALA A 74 23.68 -10.94 -3.15
N PHE A 75 22.79 -10.12 -3.73
CA PHE A 75 21.36 -10.44 -3.82
C PHE A 75 20.88 -10.15 -5.24
N THR A 76 21.29 -11.02 -6.16
CA THR A 76 20.91 -10.92 -7.58
C THR A 76 19.40 -10.78 -7.68
N GLY A 77 18.95 -9.77 -8.42
CA GLY A 77 17.53 -9.54 -8.64
C GLY A 77 16.86 -8.59 -7.66
N GLU A 78 17.57 -8.10 -6.64
CA GLU A 78 17.00 -7.23 -5.62
C GLU A 78 17.43 -5.78 -5.84
N ILE A 79 16.72 -4.86 -5.19
CA ILE A 79 17.10 -3.46 -5.12
C ILE A 79 17.02 -3.00 -3.67
N SER A 80 17.81 -1.98 -3.33
CA SER A 80 17.82 -1.47 -1.97
C SER A 80 17.12 -0.12 -1.88
N PRO A 81 16.75 0.29 -0.66
CA PRO A 81 16.25 1.66 -0.43
C PRO A 81 17.16 2.73 -0.99
N GLY A 82 18.47 2.56 -0.88
CA GLY A 82 19.38 3.56 -1.40
C GLY A 82 19.23 3.74 -2.90
N MET A 83 18.99 2.64 -3.60
CA MET A 83 18.77 2.74 -5.04
C MET A 83 17.43 3.41 -5.36
N ILE A 84 16.40 3.09 -4.56
CA ILE A 84 15.08 3.69 -4.77
C ILE A 84 15.16 5.21 -4.63
N LYS A 85 15.85 5.67 -3.58
CA LYS A 85 16.01 7.11 -3.37
C LYS A 85 16.83 7.74 -4.49
N ASP A 86 17.87 7.03 -4.96
CA ASP A 86 18.73 7.52 -6.04
C ASP A 86 17.96 7.67 -7.34
N CYS A 87 16.84 6.95 -7.50
CA CYS A 87 15.96 7.06 -8.65
C CYS A 87 14.85 8.10 -8.43
N GLY A 88 14.84 8.77 -7.28
CA GLY A 88 13.90 9.84 -7.00
C GLY A 88 12.60 9.42 -6.37
N ALA A 89 12.44 8.15 -6.03
CA ALA A 89 11.24 7.68 -5.35
C ALA A 89 11.38 7.88 -3.86
N THR A 90 10.24 7.96 -3.19
CA THR A 90 10.22 8.31 -1.77
C THR A 90 9.41 7.33 -0.94
N TRP A 91 8.82 6.31 -1.56
CA TRP A 91 8.05 5.28 -0.88
C TRP A 91 8.50 3.91 -1.35
N VAL A 92 8.17 2.91 -0.56
CA VAL A 92 8.21 1.52 -0.99
C VAL A 92 7.01 0.78 -0.43
N VAL A 93 6.44 -0.13 -1.25
CA VAL A 93 5.42 -1.06 -0.80
C VAL A 93 6.12 -2.29 -0.25
N LEU A 94 5.77 -2.71 0.96
CA LEU A 94 6.37 -3.87 1.60
C LEU A 94 5.28 -4.81 2.12
N GLY A 95 5.53 -6.11 1.99
CA GLY A 95 4.61 -7.09 2.49
C GLY A 95 3.40 -7.31 1.62
N HIS A 96 3.41 -6.85 0.37
CA HIS A 96 2.25 -7.06 -0.48
C HIS A 96 1.93 -8.55 -0.54
N SER A 97 0.63 -8.86 -0.62
CA SER A 97 0.17 -10.23 -0.62
C SER A 97 0.82 -11.07 -1.72
N GLU A 98 1.14 -10.48 -2.87
CA GLU A 98 1.84 -11.28 -3.90
C GLU A 98 3.25 -11.64 -3.46
N ARG A 99 3.94 -10.73 -2.76
CA ARG A 99 5.25 -11.09 -2.23
C ARG A 99 5.14 -12.18 -1.18
N ARG A 100 4.15 -12.08 -0.28
CA ARG A 100 4.00 -13.08 0.78
C ARG A 100 3.57 -14.43 0.25
N HIS A 101 2.60 -14.45 -0.66
CA HIS A 101 1.90 -15.69 -0.96
C HIS A 101 2.17 -16.26 -2.34
N VAL A 102 2.78 -15.49 -3.24
CA VAL A 102 3.33 -16.05 -4.47
C VAL A 102 4.84 -16.25 -4.33
N PHE A 103 5.53 -15.32 -3.68
CA PHE A 103 6.99 -15.34 -3.60
C PHE A 103 7.54 -15.72 -2.24
N GLY A 104 6.67 -16.09 -1.30
CA GLY A 104 7.13 -16.72 -0.08
C GLY A 104 7.82 -15.83 0.95
N GLU A 105 7.63 -14.51 0.91
CA GLU A 105 8.31 -13.63 1.87
C GLU A 105 7.71 -13.79 3.26
N SER A 106 8.57 -14.05 4.25
CA SER A 106 8.13 -14.28 5.62
C SER A 106 7.91 -12.96 6.38
N ASP A 107 7.13 -13.02 7.48
CA ASP A 107 6.99 -11.85 8.37
C ASP A 107 8.34 -11.37 8.84
N GLU A 108 9.22 -12.30 9.22
CA GLU A 108 10.51 -11.87 9.72
C GLU A 108 11.21 -11.02 8.68
N LEU A 109 11.25 -11.49 7.43
CA LEU A 109 11.91 -10.71 6.38
C LEU A 109 11.20 -9.38 6.17
N ILE A 110 9.88 -9.37 6.16
CA ILE A 110 9.18 -8.11 5.93
C ILE A 110 9.51 -7.10 7.02
N GLY A 111 9.57 -7.54 8.28
CA GLY A 111 9.94 -6.60 9.34
C GLY A 111 11.32 -6.02 9.16
N GLN A 112 12.27 -6.86 8.73
CA GLN A 112 13.63 -6.40 8.49
C GLN A 112 13.68 -5.40 7.33
N LYS A 113 12.87 -5.64 6.29
CA LYS A 113 12.80 -4.68 5.20
C LYS A 113 12.21 -3.35 5.67
N VAL A 114 11.14 -3.41 6.47
CA VAL A 114 10.51 -2.20 7.00
C VAL A 114 11.52 -1.36 7.77
N ALA A 115 12.28 -2.01 8.64
CA ALA A 115 13.25 -1.28 9.45
C ALA A 115 14.29 -0.58 8.58
N HIS A 116 14.77 -1.29 7.55
CA HIS A 116 15.83 -0.74 6.73
C HIS A 116 15.31 0.38 5.83
N ALA A 117 14.15 0.17 5.19
CA ALA A 117 13.60 1.19 4.32
C ALA A 117 13.30 2.46 5.10
N LEU A 118 12.69 2.32 6.28
CA LEU A 118 12.41 3.51 7.09
C LEU A 118 13.71 4.19 7.53
N ALA A 119 14.71 3.41 7.96
CA ALA A 119 15.96 4.02 8.42
C ALA A 119 16.64 4.81 7.33
N GLU A 120 16.46 4.38 6.09
CA GLU A 120 17.05 5.03 4.95
C GLU A 120 16.24 6.20 4.46
N GLY A 121 15.11 6.52 5.10
CA GLY A 121 14.35 7.70 4.78
C GLY A 121 13.15 7.52 3.89
N LEU A 122 12.82 6.31 3.48
CA LEU A 122 11.63 6.12 2.68
C LEU A 122 10.37 6.09 3.56
N GLY A 123 9.23 6.47 2.96
CA GLY A 123 7.95 6.03 3.48
C GLY A 123 7.66 4.60 3.09
N VAL A 124 6.86 3.92 3.92
CA VAL A 124 6.49 2.53 3.65
C VAL A 124 4.97 2.38 3.65
N ILE A 125 4.45 1.76 2.59
CA ILE A 125 3.09 1.23 2.56
C ILE A 125 3.24 -0.24 2.95
N ALA A 126 2.87 -0.54 4.18
CA ALA A 126 3.06 -1.86 4.76
C ALA A 126 1.75 -2.63 4.67
N CYS A 127 1.78 -3.76 3.97
CA CYS A 127 0.58 -4.52 3.65
C CYS A 127 0.41 -5.72 4.57
N ILE A 128 -0.85 -5.96 4.98
CA ILE A 128 -1.21 -7.08 5.84
C ILE A 128 -2.50 -7.69 5.30
N GLY A 129 -2.79 -8.92 5.71
CA GLY A 129 -4.04 -9.54 5.30
C GLY A 129 -4.05 -11.03 5.51
N GLU A 130 -5.24 -11.61 5.75
CA GLU A 130 -5.37 -13.04 6.01
C GLU A 130 -5.87 -13.78 4.76
N LYS A 131 -5.41 -15.01 4.61
CA LYS A 131 -5.80 -15.90 3.52
C LYS A 131 -7.13 -16.56 3.81
N LEU A 132 -7.64 -17.25 2.78
CA LEU A 132 -8.91 -17.95 2.89
C LEU A 132 -8.94 -18.93 4.04
N ASP A 133 -7.92 -19.79 4.17
CA ASP A 133 -7.96 -20.80 5.24
C ASP A 133 -7.91 -20.15 6.61
N GLU A 134 -7.19 -19.05 6.72
CA GLU A 134 -7.13 -18.31 7.99
C GLU A 134 -8.48 -17.70 8.35
N ARG A 135 -9.12 -17.04 7.39
CA ARG A 135 -10.46 -16.51 7.62
C ARG A 135 -11.42 -17.63 8.04
N GLU A 136 -11.43 -18.73 7.29
CA GLU A 136 -12.40 -19.80 7.57
C GLU A 136 -12.17 -20.39 8.96
N ALA A 137 -10.93 -20.40 9.43
CA ALA A 137 -10.62 -20.91 10.75
C ALA A 137 -10.92 -19.91 11.86
N GLY A 138 -11.37 -18.71 11.51
CA GLY A 138 -11.73 -17.70 12.49
C GLY A 138 -10.56 -16.94 13.06
N ILE A 139 -9.40 -16.97 12.42
CA ILE A 139 -8.21 -16.34 13.00
C ILE A 139 -7.77 -15.08 12.26
N THR A 140 -8.71 -14.37 11.61
CA THR A 140 -8.40 -13.09 10.98
C THR A 140 -7.63 -12.17 11.93
N GLU A 141 -8.17 -11.94 13.11
CA GLU A 141 -7.55 -11.00 14.03
C GLU A 141 -6.16 -11.47 14.43
N LYS A 142 -6.03 -12.74 14.79
CA LYS A 142 -4.74 -13.25 15.20
C LYS A 142 -3.71 -13.06 14.10
N VAL A 143 -4.09 -13.32 12.85
CA VAL A 143 -3.15 -13.20 11.73
C VAL A 143 -2.77 -11.74 11.51
N VAL A 144 -3.76 -10.86 11.33
CA VAL A 144 -3.40 -9.50 10.95
C VAL A 144 -2.79 -8.75 12.12
N PHE A 145 -3.16 -9.10 13.37
CA PHE A 145 -2.49 -8.50 14.52
C PHE A 145 -1.03 -8.90 14.59
N GLU A 146 -0.71 -10.17 14.30
CA GLU A 146 0.69 -10.57 14.34
C GLU A 146 1.48 -9.88 13.22
N GLN A 147 0.90 -9.81 12.01
CA GLN A 147 1.56 -9.08 10.93
C GLN A 147 1.80 -7.63 11.30
N THR A 148 0.78 -6.98 11.88
CA THR A 148 0.93 -5.58 12.24
C THR A 148 1.92 -5.39 13.38
N LYS A 149 2.00 -6.35 14.30
CA LYS A 149 2.99 -6.28 15.38
C LYS A 149 4.40 -6.31 14.81
N VAL A 150 4.67 -7.20 13.85
CA VAL A 150 6.00 -7.26 13.25
C VAL A 150 6.34 -5.93 12.58
N ILE A 151 5.39 -5.35 11.85
CA ILE A 151 5.63 -4.04 11.26
C ILE A 151 5.93 -3.01 12.34
N ALA A 152 5.05 -2.93 13.36
CA ALA A 152 5.17 -1.89 14.38
C ALA A 152 6.46 -2.02 15.17
N ASP A 153 6.93 -3.25 15.40
CA ASP A 153 8.21 -3.50 16.06
C ASP A 153 9.39 -2.93 15.28
N ASN A 154 9.19 -2.53 14.01
CA ASN A 154 10.25 -2.03 13.16
C ASN A 154 10.02 -0.60 12.71
N VAL A 155 9.13 0.12 13.40
CA VAL A 155 8.82 1.51 13.09
C VAL A 155 9.30 2.40 14.22
N LYS A 156 10.10 3.40 13.88
CA LYS A 156 10.54 4.42 14.84
C LYS A 156 9.75 5.70 14.69
N ASP A 157 9.15 5.94 13.53
CA ASP A 157 8.47 7.18 13.19
C ASP A 157 7.22 6.83 12.40
N TRP A 158 6.06 6.79 13.06
CA TRP A 158 4.82 6.39 12.43
C TRP A 158 4.33 7.38 11.38
N SER A 159 4.90 8.58 11.30
CA SER A 159 4.49 9.52 10.26
C SER A 159 4.90 9.03 8.89
N LYS A 160 5.84 8.09 8.83
CA LYS A 160 6.38 7.56 7.59
C LYS A 160 5.68 6.30 7.12
N VAL A 161 4.62 5.86 7.78
CA VAL A 161 4.00 4.57 7.52
C VAL A 161 2.53 4.73 7.15
N VAL A 162 2.09 3.93 6.19
CA VAL A 162 0.67 3.72 5.88
C VAL A 162 0.43 2.22 5.92
N LEU A 163 -0.65 1.77 6.57
CA LEU A 163 -1.00 0.36 6.57
C LEU A 163 -2.03 0.07 5.50
N ALA A 164 -1.86 -1.05 4.78
CA ALA A 164 -2.80 -1.45 3.74
C ALA A 164 -3.34 -2.83 4.06
N TYR A 165 -4.66 -2.94 4.27
CA TYR A 165 -5.29 -4.22 4.52
C TYR A 165 -5.72 -4.85 3.19
N GLU A 166 -5.21 -6.05 2.90
CA GLU A 166 -5.61 -6.79 1.71
C GLU A 166 -6.43 -7.98 2.13
N PRO A 167 -7.69 -8.09 1.70
CA PRO A 167 -8.50 -9.27 2.02
C PRO A 167 -8.15 -10.43 1.09
N VAL A 168 -7.02 -11.07 1.39
CA VAL A 168 -6.49 -12.10 0.49
C VAL A 168 -7.50 -13.22 0.32
N TRP A 169 -8.24 -13.53 1.38
CA TRP A 169 -9.33 -14.50 1.39
C TRP A 169 -10.43 -14.18 0.37
N ALA A 170 -10.46 -12.97 -0.18
CA ALA A 170 -11.49 -12.52 -1.12
C ALA A 170 -10.86 -12.07 -2.43
N ILE A 171 -9.66 -12.57 -2.73
CA ILE A 171 -8.97 -12.28 -3.97
C ILE A 171 -8.61 -13.62 -4.62
N GLY A 172 -9.27 -13.96 -5.72
CA GLY A 172 -9.01 -15.22 -6.40
C GLY A 172 -9.52 -16.45 -5.68
N THR A 173 -10.58 -16.33 -4.89
CA THR A 173 -11.09 -17.46 -4.13
C THR A 173 -12.56 -17.75 -4.38
N GLY A 174 -13.26 -16.86 -5.05
CA GLY A 174 -14.69 -16.96 -5.15
C GLY A 174 -15.46 -16.23 -4.07
N LYS A 175 -14.77 -15.68 -3.05
CA LYS A 175 -15.43 -14.92 -1.99
C LYS A 175 -15.37 -13.43 -2.32
N THR A 176 -16.44 -12.72 -1.91
CA THR A 176 -16.54 -11.28 -2.07
C THR A 176 -16.46 -10.64 -0.69
N ALA A 177 -15.58 -9.66 -0.55
CA ALA A 177 -15.53 -8.88 0.68
C ALA A 177 -16.50 -7.71 0.56
N THR A 178 -17.42 -7.60 1.52
CA THR A 178 -18.36 -6.49 1.49
C THR A 178 -17.72 -5.26 2.14
N PRO A 179 -18.25 -4.07 1.89
CA PRO A 179 -17.68 -2.89 2.59
C PRO A 179 -17.74 -3.01 4.10
N GLN A 180 -18.78 -3.65 4.63
CA GLN A 180 -18.87 -3.85 6.06
C GLN A 180 -17.77 -4.77 6.56
N GLN A 181 -17.47 -5.83 5.80
CA GLN A 181 -16.40 -6.73 6.21
C GLN A 181 -15.06 -6.03 6.18
N ALA A 182 -14.83 -5.17 5.19
CA ALA A 182 -13.59 -4.38 5.15
C ALA A 182 -13.50 -3.47 6.37
N GLN A 183 -14.57 -2.71 6.61
CA GLN A 183 -14.61 -1.79 7.76
C GLN A 183 -14.34 -2.52 9.07
N GLU A 184 -14.92 -3.72 9.22
CA GLU A 184 -14.72 -4.46 10.47
C GLU A 184 -13.25 -4.75 10.71
N VAL A 185 -12.51 -5.14 9.69
CA VAL A 185 -11.09 -5.41 9.90
C VAL A 185 -10.32 -4.11 10.15
N HIS A 186 -10.62 -3.05 9.38
CA HIS A 186 -9.92 -1.78 9.61
C HIS A 186 -10.13 -1.27 11.04
N GLU A 187 -11.34 -1.42 11.57
CA GLU A 187 -11.59 -1.00 12.95
C GLU A 187 -10.76 -1.83 13.92
N LYS A 188 -10.67 -3.14 13.70
CA LYS A 188 -9.88 -3.99 14.58
C LYS A 188 -8.41 -3.61 14.53
N LEU A 189 -7.88 -3.32 13.33
CA LEU A 189 -6.50 -2.89 13.21
C LEU A 189 -6.27 -1.58 13.94
N ARG A 190 -7.18 -0.63 13.80
CA ARG A 190 -7.00 0.64 14.50
C ARG A 190 -7.05 0.43 16.01
N GLY A 191 -7.94 -0.45 16.49
CA GLY A 191 -7.95 -0.79 17.91
C GLY A 191 -6.66 -1.45 18.36
N TRP A 192 -6.04 -2.25 17.48
CA TRP A 192 -4.74 -2.83 17.82
C TRP A 192 -3.71 -1.73 18.02
N LEU A 193 -3.71 -0.73 17.14
CA LEU A 193 -2.75 0.35 17.28
C LEU A 193 -2.98 1.11 18.58
N LYS A 194 -4.24 1.34 18.93
CA LYS A 194 -4.54 2.07 20.16
C LYS A 194 -4.00 1.32 21.37
N SER A 195 -4.23 0.02 21.43
CA SER A 195 -3.89 -0.80 22.59
C SER A 195 -2.40 -1.12 22.66
N ASN A 196 -1.71 -1.17 21.53
CA ASN A 196 -0.35 -1.65 21.50
C ASN A 196 0.69 -0.62 21.12
N VAL A 197 0.30 0.51 20.53
CA VAL A 197 1.24 1.58 20.21
C VAL A 197 0.85 2.81 21.00
N SER A 198 -0.20 3.50 20.59
CA SER A 198 -0.78 4.59 21.37
C SER A 198 -2.05 5.05 20.69
N ASP A 199 -2.90 5.72 21.48
CA ASP A 199 -4.08 6.32 20.90
C ASP A 199 -3.74 7.32 19.81
N ALA A 200 -2.69 8.11 20.00
CA ALA A 200 -2.33 9.11 19.02
C ALA A 200 -1.96 8.44 17.69
N VAL A 201 -1.14 7.39 17.77
CA VAL A 201 -0.78 6.68 16.53
C VAL A 201 -2.02 6.08 15.88
N ALA A 202 -2.93 5.49 16.66
CA ALA A 202 -4.15 4.93 16.10
C ALA A 202 -4.95 6.00 15.36
N GLN A 203 -5.06 7.21 15.95
CA GLN A 203 -5.89 8.23 15.32
C GLN A 203 -5.23 8.84 14.09
N SER A 204 -3.90 8.81 13.98
CA SER A 204 -3.23 9.50 12.89
C SER A 204 -2.81 8.59 11.74
N THR A 205 -2.79 7.27 11.93
CA THR A 205 -2.25 6.39 10.91
C THR A 205 -3.32 6.04 9.89
N ARG A 206 -2.99 6.25 8.62
CA ARG A 206 -3.90 5.83 7.54
C ARG A 206 -3.89 4.31 7.39
N ILE A 207 -5.08 3.73 7.36
CA ILE A 207 -5.28 2.31 7.08
C ILE A 207 -6.11 2.26 5.81
N ILE A 208 -5.45 1.89 4.69
CA ILE A 208 -6.05 1.90 3.35
C ILE A 208 -6.46 0.50 2.95
N TYR A 209 -7.47 0.42 2.10
CA TYR A 209 -8.07 -0.84 1.69
C TYR A 209 -7.44 -1.31 0.37
N GLY A 210 -7.00 -2.57 0.37
CA GLY A 210 -6.33 -3.18 -0.77
C GLY A 210 -7.10 -4.30 -1.44
N GLY A 211 -8.41 -4.39 -1.20
CA GLY A 211 -9.27 -5.31 -1.91
C GLY A 211 -9.82 -4.65 -3.16
N SER A 212 -10.77 -5.34 -3.79
CA SER A 212 -11.32 -4.87 -5.05
C SER A 212 -11.99 -3.51 -4.87
N VAL A 213 -11.60 -2.57 -5.74
CA VAL A 213 -12.19 -1.24 -5.75
C VAL A 213 -12.25 -0.74 -7.19
N THR A 214 -13.39 -0.16 -7.55
CA THR A 214 -13.63 0.40 -8.87
C THR A 214 -14.25 1.77 -8.71
N GLY A 215 -14.45 2.45 -9.84
CA GLY A 215 -15.14 3.72 -9.81
C GLY A 215 -16.54 3.61 -9.23
N ALA A 216 -17.20 2.47 -9.43
CA ALA A 216 -18.57 2.30 -8.99
C ALA A 216 -18.69 1.97 -7.51
N THR A 217 -17.62 1.46 -6.89
CA THR A 217 -17.66 1.06 -5.49
C THR A 217 -16.83 1.94 -4.57
N CYS A 218 -16.01 2.85 -5.12
CA CYS A 218 -15.02 3.52 -4.29
C CYS A 218 -15.65 4.49 -3.29
N LYS A 219 -16.73 5.18 -3.68
CA LYS A 219 -17.40 6.12 -2.77
C LYS A 219 -17.86 5.43 -1.50
N GLU A 220 -18.52 4.28 -1.66
CA GLU A 220 -19.06 3.56 -0.52
C GLU A 220 -17.95 3.02 0.37
N LEU A 221 -16.89 2.49 -0.23
CA LEU A 221 -15.78 2.01 0.58
C LEU A 221 -15.12 3.17 1.33
N ALA A 222 -14.92 4.30 0.66
CA ALA A 222 -14.21 5.41 1.27
C ALA A 222 -15.02 6.02 2.41
N SER A 223 -16.34 5.83 2.37
CA SER A 223 -17.17 6.36 3.43
C SER A 223 -17.12 5.52 4.70
N GLN A 224 -16.51 4.34 4.67
CA GLN A 224 -16.40 3.56 5.89
C GLN A 224 -15.49 4.30 6.86
N PRO A 225 -15.84 4.36 8.14
CA PRO A 225 -15.14 5.29 9.03
C PRO A 225 -13.68 4.98 9.26
N ASP A 226 -13.25 3.73 9.11
CA ASP A 226 -11.85 3.39 9.35
C ASP A 226 -11.11 3.05 8.08
N VAL A 227 -11.70 3.31 6.91
CA VAL A 227 -11.04 3.14 5.62
C VAL A 227 -10.54 4.50 5.15
N ASP A 228 -9.22 4.64 5.03
CA ASP A 228 -8.60 5.95 4.83
C ASP A 228 -8.10 6.16 3.41
N GLY A 229 -8.50 5.30 2.47
CA GLY A 229 -8.01 5.35 1.12
C GLY A 229 -7.84 3.94 0.60
N PHE A 230 -7.04 3.79 -0.47
CA PHE A 230 -6.95 2.55 -1.21
C PHE A 230 -5.52 2.31 -1.66
N LEU A 231 -5.17 1.03 -1.73
CA LEU A 231 -4.04 0.57 -2.55
C LEU A 231 -4.68 -0.16 -3.73
N VAL A 232 -4.75 0.51 -4.85
CA VAL A 232 -5.49 0.06 -6.02
C VAL A 232 -4.60 -0.81 -6.89
N GLY A 233 -5.13 -1.96 -7.32
CA GLY A 233 -4.50 -2.80 -8.32
C GLY A 233 -4.86 -2.41 -9.75
N GLY A 234 -5.70 -3.22 -10.42
CA GLY A 234 -5.84 -3.10 -11.87
C GLY A 234 -6.40 -1.77 -12.35
N ALA A 235 -7.31 -1.17 -11.57
CA ALA A 235 -7.88 0.11 -11.99
C ALA A 235 -6.83 1.20 -12.01
N SER A 236 -5.67 0.98 -11.37
CA SER A 236 -4.65 2.02 -11.36
C SER A 236 -4.01 2.23 -12.72
N LEU A 237 -4.20 1.31 -13.67
CA LEU A 237 -3.65 1.42 -15.03
C LEU A 237 -4.57 2.14 -15.99
N LYS A 238 -5.73 2.59 -15.54
CA LYS A 238 -6.80 3.11 -16.37
C LYS A 238 -7.24 4.50 -15.91
N PRO A 239 -7.88 5.27 -16.78
CA PRO A 239 -8.39 6.58 -16.35
C PRO A 239 -9.32 6.52 -15.14
N GLU A 240 -10.01 5.39 -14.94
CA GLU A 240 -10.83 5.16 -13.75
C GLU A 240 -10.10 5.50 -12.45
N PHE A 241 -8.77 5.35 -12.43
CA PHE A 241 -8.01 5.66 -11.21
C PHE A 241 -8.29 7.08 -10.73
N VAL A 242 -8.54 8.01 -11.65
CA VAL A 242 -8.82 9.39 -11.24
C VAL A 242 -10.11 9.46 -10.45
N ASP A 243 -11.12 8.66 -10.82
CA ASP A 243 -12.35 8.63 -10.04
C ASP A 243 -12.11 8.10 -8.63
N ILE A 244 -11.19 7.15 -8.48
CA ILE A 244 -10.87 6.61 -7.17
C ILE A 244 -10.15 7.67 -6.33
N ILE A 245 -9.28 8.46 -6.97
CA ILE A 245 -8.65 9.59 -6.27
C ILE A 245 -9.70 10.49 -5.65
N ASN A 246 -10.83 10.63 -6.34
CA ASN A 246 -11.92 11.51 -5.91
C ASN A 246 -13.02 10.80 -5.13
N ALA A 247 -12.72 9.65 -4.51
CA ALA A 247 -13.75 8.87 -3.84
C ALA A 247 -14.42 9.59 -2.68
N LYS A 248 -13.76 10.58 -2.08
CA LYS A 248 -14.34 11.32 -0.97
C LYS A 248 -15.12 12.55 -1.42
N GLN A 249 -15.10 12.85 -2.72
CA GLN A 249 -15.74 14.04 -3.25
C GLN A 249 -17.23 13.78 -3.47
O1 G3P B . -2.57 -18.82 -1.60
C1 G3P B . -3.47 -17.99 -2.29
C2 G3P B . -3.43 -16.63 -1.61
O2 G3P B . -2.72 -16.81 -0.39
C3 G3P B . -2.76 -15.57 -2.47
O1P G3P B . -3.68 -14.65 -3.04
O4P G3P B . -1.56 -13.54 -3.74
O2P G3P B . -3.43 -13.58 -5.36
O3P G3P B . -3.48 -12.08 -3.40
P G3P B . -3.05 -13.43 -3.90
HO1 G3P B . -2.04 -18.29 -0.97
H11 G3P B . -4.48 -18.40 -2.25
H12 G3P B . -3.18 -17.89 -3.33
H2 G3P B . -4.45 -16.26 -1.43
HO2 G3P B . -2.27 -15.98 -0.15
H31 G3P B . -2.04 -15.01 -1.87
H32 G3P B . -2.21 -16.07 -3.28
BR BR C . 26.73 2.82 -2.27
#